data_4FP4
#
_entry.id   4FP4
#
_cell.length_a   46.957
_cell.length_b   115.420
_cell.length_c   53.139
_cell.angle_alpha   90.00
_cell.angle_beta   110.84
_cell.angle_gamma   90.00
#
_symmetry.space_group_name_H-M   'P 1 21 1'
#
loop_
_entity.id
_entity.type
_entity.pdbx_description
1 polymer 'Polyprenyl synthetase'
2 non-polymer 'GERAN-8-YL GERAN'
3 non-polymer 'UNKNOWN ATOM OR ION'
4 non-polymer 'UNKNOWN LIGAND'
5 water water
#
_entity_poly.entity_id   1
_entity_poly.type   'polypeptide(L)'
_entity_poly.pdbx_seq_one_letter_code
;MVMYSLPPEVLAALERVKARLNKVGEELEPISLRKAVRHYIETPGKLLRPLLLLTFTYSIDRRSIMDPRILEAAAIVELL
HVVSLLQDDVMDQHDQRRGIKTPRAMYGDGRAIVASDWLIAESIKMAVNLGADVVTYLADVAQRLSVGQALDLEGERDKA
AEFKTAPLIEAALVMPLVILGRRELIETAKKLGTKLGILYQYSDDYSDENVERPETKSIANEIGRYLLKIKEHVGDAIAP
FERLIKYLIGKALEGTLTVSRTIAENLYFQSHHHHHHWSHPQFEK
;
_entity_poly.pdbx_strand_id   A,B
#
loop_
_chem_comp.id
_chem_comp.type
_chem_comp.name
_chem_comp.formula
GER non-polymer 'GERAN-8-YL GERAN' 'C20 H34'
UNL non-polymer 'UNKNOWN LIGAND' ?
UNX non-polymer 'UNKNOWN ATOM OR ION' ?
#
# COMPACT_ATOMS: atom_id res chain seq x y z
N MET A 3 -17.07 11.53 -28.62
CA MET A 3 -15.89 10.72 -28.22
C MET A 3 -14.74 11.59 -27.70
N TYR A 4 -13.53 11.38 -28.21
CA TYR A 4 -12.40 12.17 -27.75
C TYR A 4 -11.81 13.06 -28.83
N SER A 5 -11.89 14.37 -28.59
CA SER A 5 -11.32 15.36 -29.49
C SER A 5 -10.03 15.88 -28.89
N LEU A 6 -9.18 14.97 -28.44
CA LEU A 6 -7.93 15.40 -27.80
C LEU A 6 -6.69 15.25 -28.68
N PRO A 7 -5.68 16.07 -28.35
CA PRO A 7 -4.44 16.22 -29.10
C PRO A 7 -3.83 14.87 -29.42
N PRO A 8 -3.30 14.73 -30.63
CA PRO A 8 -2.65 13.44 -30.93
C PRO A 8 -1.47 13.23 -29.96
N GLU A 9 -0.87 14.31 -29.44
CA GLU A 9 0.24 14.14 -28.48
C GLU A 9 -0.27 13.46 -27.20
N VAL A 10 -1.48 13.81 -26.76
CA VAL A 10 -2.04 13.15 -25.57
C VAL A 10 -2.33 11.65 -25.86
N LEU A 11 -2.95 11.36 -27.00
CA LEU A 11 -3.24 9.96 -27.38
C LEU A 11 -1.97 9.12 -27.48
N ALA A 12 -0.89 9.74 -28.00
CA ALA A 12 0.41 9.07 -28.11
C ALA A 12 1.00 8.74 -26.73
N ALA A 13 0.89 9.70 -25.81
CA ALA A 13 1.33 9.51 -24.44
C ALA A 13 0.53 8.37 -23.80
N LEU A 14 -0.75 8.32 -24.12
CA LEU A 14 -1.57 7.29 -23.54
C LEU A 14 -1.14 5.92 -24.04
N GLU A 15 -0.75 5.83 -25.31
CA GLU A 15 -0.25 4.55 -25.81
C GLU A 15 1.00 4.12 -25.08
N ARG A 16 1.85 5.07 -24.72
CA ARG A 16 3.05 4.69 -23.99
C ARG A 16 2.69 4.24 -22.57
N VAL A 17 1.61 4.79 -22.04
CA VAL A 17 1.18 4.38 -20.71
C VAL A 17 0.62 2.95 -20.85
N LYS A 18 -0.10 2.67 -21.92
CA LYS A 18 -0.63 1.34 -22.12
C LYS A 18 0.49 0.31 -22.20
N ALA A 19 1.57 0.68 -22.88
CA ALA A 19 2.74 -0.17 -23.03
C ALA A 19 3.44 -0.43 -21.69
N ARG A 20 3.52 0.60 -20.86
CA ARG A 20 4.15 0.48 -19.54
C ARG A 20 3.35 -0.45 -18.63
N LEU A 21 2.03 -0.31 -18.70
CA LEU A 21 1.08 -1.09 -17.93
C LEU A 21 1.15 -2.54 -18.37
N ASN A 22 1.45 -2.74 -19.64
CA ASN A 22 1.49 -4.10 -20.17
C ASN A 22 2.71 -4.87 -19.63
N LYS A 23 3.69 -4.14 -19.13
CA LYS A 23 4.85 -4.74 -18.54
C LYS A 23 4.61 -5.20 -17.10
N VAL A 24 3.59 -4.66 -16.44
CA VAL A 24 3.34 -4.93 -15.00
C VAL A 24 3.00 -6.42 -14.67
N GLY A 25 3.84 -7.02 -13.83
CA GLY A 25 3.65 -8.41 -13.42
C GLY A 25 3.87 -9.40 -14.57
N GLU A 26 4.51 -8.97 -15.65
CA GLU A 26 4.78 -9.84 -16.82
C GLU A 26 5.13 -11.30 -16.54
N GLU A 27 6.17 -11.52 -15.74
CA GLU A 27 6.65 -12.88 -15.48
C GLU A 27 6.34 -13.33 -14.07
N LEU A 28 5.40 -12.64 -13.45
CA LEU A 28 5.03 -12.94 -12.09
C LEU A 28 4.54 -14.39 -11.91
N GLU A 29 5.04 -15.04 -10.86
CA GLU A 29 4.64 -16.39 -10.47
C GLU A 29 4.12 -16.27 -9.05
N PRO A 30 3.14 -17.10 -8.67
CA PRO A 30 2.60 -18.12 -9.54
C PRO A 30 1.58 -17.57 -10.51
N ILE A 31 1.21 -18.42 -11.46
CA ILE A 31 0.31 -18.06 -12.55
C ILE A 31 -1.03 -17.48 -12.12
N SER A 32 -1.65 -18.08 -11.13
CA SER A 32 -2.93 -17.56 -10.69
C SER A 32 -2.71 -16.15 -10.14
N LEU A 33 -1.54 -15.86 -9.58
CA LEU A 33 -1.28 -14.50 -9.06
C LEU A 33 -1.15 -13.57 -10.25
N ARG A 34 -0.35 -13.97 -11.23
CA ARG A 34 -0.17 -13.16 -12.42
C ARG A 34 -1.50 -12.85 -13.13
N LYS A 35 -2.33 -13.88 -13.31
CA LYS A 35 -3.62 -13.69 -13.99
C LYS A 35 -4.54 -12.70 -13.23
N ALA A 36 -4.66 -12.88 -11.93
CA ALA A 36 -5.48 -12.00 -11.09
C ALA A 36 -4.92 -10.58 -11.15
N VAL A 37 -3.59 -10.44 -11.08
CA VAL A 37 -2.98 -9.10 -11.14
C VAL A 37 -3.18 -8.40 -12.48
N ARG A 38 -3.03 -9.13 -13.59
CA ARG A 38 -3.12 -8.53 -14.90
C ARG A 38 -4.50 -8.52 -15.51
N HIS A 39 -5.47 -9.10 -14.82
CA HIS A 39 -6.81 -9.18 -15.38
C HIS A 39 -7.38 -7.83 -15.85
N TYR A 40 -7.36 -6.84 -14.97
CA TYR A 40 -7.93 -5.54 -15.26
C TYR A 40 -6.99 -4.64 -16.05
N ILE A 41 -5.75 -5.08 -16.20
CA ILE A 41 -4.83 -4.40 -17.09
C ILE A 41 -5.01 -4.85 -18.55
N GLU A 42 -5.31 -6.13 -18.77
CA GLU A 42 -5.43 -6.63 -20.16
C GLU A 42 -6.81 -6.39 -20.77
N THR A 43 -7.82 -6.49 -19.93
CA THR A 43 -9.15 -6.15 -20.34
C THR A 43 -9.19 -4.77 -19.78
N PRO A 44 -8.72 -3.78 -20.57
CA PRO A 44 -8.56 -2.43 -20.10
C PRO A 44 -9.88 -1.66 -20.16
N GLY A 45 -10.02 -0.67 -19.30
CA GLY A 45 -11.22 0.14 -19.27
C GLY A 45 -11.08 1.30 -20.23
N LYS A 46 -11.60 2.46 -19.80
CA LYS A 46 -11.52 3.68 -20.59
C LYS A 46 -10.23 4.44 -20.30
N LEU A 47 -9.47 3.98 -19.31
CA LEU A 47 -8.21 4.65 -18.95
C LEU A 47 -8.50 6.14 -18.73
N LEU A 48 -9.62 6.38 -18.11
CA LEU A 48 -10.06 7.70 -17.76
C LEU A 48 -9.07 8.41 -16.83
N ARG A 49 -8.62 7.70 -15.80
CA ARG A 49 -7.72 8.35 -14.83
C ARG A 49 -6.41 8.76 -15.49
N PRO A 50 -5.70 7.84 -16.20
CA PRO A 50 -4.54 8.29 -16.96
C PRO A 50 -4.90 9.38 -17.99
N LEU A 51 -6.05 9.27 -18.66
CA LEU A 51 -6.36 10.31 -19.63
C LEU A 51 -6.49 11.70 -18.99
N LEU A 52 -7.12 11.75 -17.83
CA LEU A 52 -7.25 13.02 -17.15
C LEU A 52 -5.89 13.57 -16.78
N LEU A 53 -5.02 12.72 -16.28
CA LEU A 53 -3.70 13.17 -15.87
C LEU A 53 -2.89 13.70 -17.04
N LEU A 54 -2.89 12.95 -18.13
CA LEU A 54 -2.16 13.34 -19.32
C LEU A 54 -2.72 14.58 -19.99
N THR A 55 -4.03 14.67 -20.07
CA THR A 55 -4.66 15.82 -20.74
C THR A 55 -4.41 17.10 -19.91
N PHE A 56 -4.51 16.95 -18.61
CA PHE A 56 -4.27 18.11 -17.71
C PHE A 56 -2.80 18.54 -17.78
N THR A 57 -1.89 17.58 -17.75
CA THR A 57 -0.45 17.87 -17.90
C THR A 57 -0.16 18.61 -19.19
N TYR A 58 -0.67 18.08 -20.31
CA TYR A 58 -0.49 18.74 -21.60
C TYR A 58 -0.96 20.21 -21.58
N SER A 59 -2.10 20.48 -20.95
CA SER A 59 -2.63 21.84 -20.87
C SER A 59 -1.78 22.76 -20.01
N ILE A 60 -1.31 22.30 -18.85
CA ILE A 60 -0.40 23.10 -18.02
C ILE A 60 1.04 23.24 -18.55
N ASP A 61 1.60 22.13 -19.04
CA ASP A 61 2.97 22.12 -19.57
C ASP A 61 3.04 21.08 -20.68
N ARG A 62 2.99 21.54 -21.93
CA ARG A 62 2.96 20.62 -23.05
C ARG A 62 4.19 19.72 -23.20
N ARG A 63 5.37 20.25 -22.90
CA ARG A 63 6.61 19.48 -23.10
C ARG A 63 6.66 18.32 -22.12
N SER A 64 5.96 18.47 -21.00
CA SER A 64 6.04 17.46 -19.94
C SER A 64 5.25 16.18 -20.20
N ILE A 65 4.48 16.17 -21.26
CA ILE A 65 3.73 14.99 -21.62
C ILE A 65 4.68 13.85 -22.05
N MET A 66 5.95 14.16 -22.28
CA MET A 66 6.91 13.10 -22.59
C MET A 66 7.82 12.84 -21.40
N ASP A 67 7.60 13.56 -20.31
CA ASP A 67 8.43 13.34 -19.12
C ASP A 67 8.16 11.92 -18.54
N PRO A 68 9.23 11.14 -18.32
CA PRO A 68 9.06 9.77 -17.78
C PRO A 68 8.29 9.73 -16.45
N ARG A 69 8.44 10.77 -15.64
CA ARG A 69 7.77 10.83 -14.37
C ARG A 69 6.25 10.92 -14.51
N ILE A 70 5.81 11.72 -15.49
CA ILE A 70 4.38 11.93 -15.81
C ILE A 70 3.77 10.66 -16.37
N LEU A 71 4.53 9.95 -17.21
CA LEU A 71 4.05 8.69 -17.76
C LEU A 71 3.92 7.65 -16.63
N GLU A 72 4.92 7.59 -15.75
CA GLU A 72 4.88 6.71 -14.61
C GLU A 72 3.68 7.07 -13.70
N ALA A 73 3.49 8.36 -13.44
CA ALA A 73 2.36 8.79 -12.59
C ALA A 73 1.04 8.31 -13.18
N ALA A 74 0.88 8.47 -14.49
CA ALA A 74 -0.34 8.01 -15.18
C ALA A 74 -0.55 6.53 -14.96
N ALA A 75 0.53 5.75 -15.04
CA ALA A 75 0.41 4.30 -14.83
C ALA A 75 0.06 3.96 -13.38
N ILE A 76 0.66 4.68 -12.44
CA ILE A 76 0.33 4.42 -11.08
C ILE A 76 -1.14 4.70 -10.79
N VAL A 77 -1.69 5.75 -11.36
CA VAL A 77 -3.09 6.05 -11.01
C VAL A 77 -3.98 4.95 -11.58
N GLU A 78 -3.60 4.38 -12.71
CA GLU A 78 -4.40 3.29 -13.25
C GLU A 78 -4.22 2.03 -12.36
N LEU A 79 -3.00 1.75 -11.91
CA LEU A 79 -2.85 0.60 -10.99
C LEU A 79 -3.69 0.69 -9.73
N LEU A 80 -3.78 1.88 -9.14
CA LEU A 80 -4.57 2.01 -7.93
C LEU A 80 -6.04 1.81 -8.27
N HIS A 81 -6.44 2.29 -9.42
CA HIS A 81 -7.82 2.04 -9.83
C HIS A 81 -8.04 0.51 -9.93
N VAL A 82 -7.08 -0.20 -10.52
CA VAL A 82 -7.17 -1.67 -10.61
C VAL A 82 -7.24 -2.29 -9.22
N VAL A 83 -6.43 -1.81 -8.28
CA VAL A 83 -6.52 -2.30 -6.92
C VAL A 83 -7.96 -2.07 -6.41
N SER A 84 -8.54 -0.91 -6.72
CA SER A 84 -9.88 -0.67 -6.17
C SER A 84 -10.90 -1.65 -6.79
N LEU A 85 -10.81 -1.88 -8.09
CA LEU A 85 -11.69 -2.89 -8.71
C LEU A 85 -11.60 -4.27 -8.06
N LEU A 86 -10.38 -4.74 -7.85
CA LEU A 86 -10.15 -6.06 -7.29
C LEU A 86 -10.77 -6.21 -5.90
N GLN A 87 -10.59 -5.20 -5.05
CA GLN A 87 -11.12 -5.25 -3.69
C GLN A 87 -12.62 -5.06 -3.67
N ASP A 88 -13.11 -4.23 -4.55
CA ASP A 88 -14.54 -4.01 -4.65
C ASP A 88 -15.24 -5.30 -5.11
N ASP A 89 -14.59 -6.04 -6.00
CA ASP A 89 -15.13 -7.33 -6.45
C ASP A 89 -15.41 -8.22 -5.26
N VAL A 90 -14.47 -8.22 -4.33
CA VAL A 90 -14.55 -9.06 -3.14
C VAL A 90 -15.59 -8.55 -2.14
N MET A 91 -15.59 -7.25 -1.87
CA MET A 91 -16.53 -6.69 -0.90
C MET A 91 -17.98 -6.70 -1.38
N ASP A 92 -18.19 -6.48 -2.66
CA ASP A 92 -19.53 -6.48 -3.21
C ASP A 92 -19.89 -7.81 -3.87
N GLN A 93 -18.94 -8.74 -3.87
CA GLN A 93 -19.19 -10.04 -4.45
C GLN A 93 -19.66 -9.91 -5.89
N HIS A 94 -18.79 -9.43 -6.76
CA HIS A 94 -19.10 -9.34 -8.18
C HIS A 94 -18.43 -10.53 -8.84
N ASP A 95 -19.21 -11.33 -9.57
CA ASP A 95 -18.67 -12.49 -10.30
C ASP A 95 -18.37 -12.12 -11.74
N GLN A 96 -18.91 -10.98 -12.15
CA GLN A 96 -18.67 -10.45 -13.48
C GLN A 96 -18.54 -8.95 -13.40
N ARG A 97 -17.65 -8.39 -14.20
CA ARG A 97 -17.54 -6.95 -14.23
C ARG A 97 -17.59 -6.60 -15.70
N ARG A 98 -18.78 -6.20 -16.14
CA ARG A 98 -19.11 -5.91 -17.53
C ARG A 98 -19.00 -7.11 -18.49
N GLY A 99 -19.68 -8.19 -18.17
CA GLY A 99 -19.67 -9.37 -19.02
C GLY A 99 -18.38 -10.19 -18.98
N ILE A 100 -17.50 -9.89 -18.04
CA ILE A 100 -16.25 -10.62 -17.92
C ILE A 100 -16.10 -11.19 -16.52
N LYS A 101 -15.68 -12.45 -16.44
CA LYS A 101 -15.52 -13.09 -15.14
C LYS A 101 -14.46 -12.34 -14.35
N THR A 102 -14.79 -12.03 -13.10
CA THR A 102 -13.89 -11.32 -12.21
C THR A 102 -12.85 -12.26 -11.62
N PRO A 103 -11.69 -11.74 -11.23
CA PRO A 103 -10.68 -12.60 -10.64
C PRO A 103 -11.16 -13.34 -9.36
N ARG A 104 -12.00 -12.71 -8.57
CA ARG A 104 -12.48 -13.36 -7.38
CA ARG A 104 -12.50 -13.35 -7.38
C ARG A 104 -13.33 -14.57 -7.78
N ALA A 105 -14.08 -14.47 -8.86
CA ALA A 105 -14.93 -15.58 -9.30
C ALA A 105 -14.10 -16.74 -9.84
N MET A 106 -13.04 -16.42 -10.56
CA MET A 106 -12.17 -17.44 -11.13
C MET A 106 -11.29 -18.11 -10.08
N TYR A 107 -10.76 -17.37 -9.11
CA TYR A 107 -9.81 -17.97 -8.15
C TYR A 107 -10.17 -17.91 -6.68
N GLY A 108 -11.28 -17.28 -6.37
CA GLY A 108 -11.64 -17.16 -4.96
C GLY A 108 -11.20 -15.78 -4.45
N ASP A 109 -11.74 -15.38 -3.31
CA ASP A 109 -11.43 -14.05 -2.74
C ASP A 109 -9.98 -13.87 -2.34
N GLY A 110 -9.36 -14.93 -1.87
CA GLY A 110 -7.98 -14.86 -1.44
C GLY A 110 -7.03 -14.30 -2.49
N ARG A 111 -7.09 -14.85 -3.70
CA ARG A 111 -6.21 -14.39 -4.77
C ARG A 111 -6.50 -12.96 -5.20
N ALA A 112 -7.77 -12.57 -5.21
CA ALA A 112 -8.06 -11.21 -5.60
C ALA A 112 -7.37 -10.27 -4.59
N ILE A 113 -7.52 -10.57 -3.29
CA ILE A 113 -6.94 -9.72 -2.23
C ILE A 113 -5.43 -9.69 -2.33
N VAL A 114 -4.83 -10.85 -2.48
CA VAL A 114 -3.40 -10.95 -2.60
C VAL A 114 -2.91 -10.18 -3.82
N ALA A 115 -3.64 -10.28 -4.91
CA ALA A 115 -3.28 -9.56 -6.13
C ALA A 115 -3.33 -8.07 -5.87
N SER A 116 -4.36 -7.62 -5.16
CA SER A 116 -4.47 -6.21 -4.85
C SER A 116 -3.27 -5.81 -4.00
N ASP A 117 -2.85 -6.67 -3.09
CA ASP A 117 -1.70 -6.39 -2.24
C ASP A 117 -0.46 -6.22 -3.07
N TRP A 118 -0.25 -7.09 -4.04
CA TRP A 118 0.93 -7.03 -4.88
C TRP A 118 0.95 -5.73 -5.66
N LEU A 119 -0.21 -5.33 -6.17
CA LEU A 119 -0.35 -4.09 -6.90
C LEU A 119 -0.09 -2.85 -6.04
N ILE A 120 -0.54 -2.85 -4.81
CA ILE A 120 -0.28 -1.71 -3.94
C ILE A 120 1.23 -1.58 -3.81
N ALA A 121 1.88 -2.71 -3.59
CA ALA A 121 3.33 -2.73 -3.40
C ALA A 121 4.04 -2.27 -4.66
N GLU A 122 3.60 -2.75 -5.81
CA GLU A 122 4.19 -2.33 -7.07
C GLU A 122 4.04 -0.79 -7.30
N SER A 123 2.87 -0.24 -6.99
CA SER A 123 2.63 1.20 -7.09
C SER A 123 3.54 2.04 -6.17
N ILE A 124 3.73 1.56 -4.94
CA ILE A 124 4.63 2.23 -4.01
C ILE A 124 6.01 2.24 -4.63
N LYS A 125 6.46 1.09 -5.13
CA LYS A 125 7.80 1.01 -5.77
C LYS A 125 7.93 2.04 -6.87
N MET A 126 6.93 2.10 -7.76
CA MET A 126 6.93 3.11 -8.81
C MET A 126 6.89 4.55 -8.24
N ALA A 127 6.07 4.79 -7.20
CA ALA A 127 5.96 6.17 -6.65
C ALA A 127 7.28 6.66 -6.02
N VAL A 128 8.02 5.76 -5.41
CA VAL A 128 9.29 6.13 -4.77
C VAL A 128 10.15 6.94 -5.73
N ASN A 129 10.23 6.50 -6.99
CA ASN A 129 10.98 7.22 -8.00
C ASN A 129 10.49 8.63 -8.24
N LEU A 130 9.27 8.94 -7.80
CA LEU A 130 8.71 10.27 -8.01
C LEU A 130 8.88 11.18 -6.80
N GLY A 131 9.52 10.70 -5.73
CA GLY A 131 9.75 11.56 -4.56
C GLY A 131 8.84 11.33 -3.38
N ALA A 132 9.29 11.80 -2.23
CA ALA A 132 8.60 11.59 -0.98
C ALA A 132 7.21 12.27 -0.96
N ASP A 133 7.07 13.42 -1.59
CA ASP A 133 5.77 14.09 -1.58
C ASP A 133 4.71 13.30 -2.33
N VAL A 134 5.12 12.70 -3.44
CA VAL A 134 4.17 11.89 -4.21
C VAL A 134 3.75 10.70 -3.35
N VAL A 135 4.74 10.03 -2.77
CA VAL A 135 4.47 8.88 -1.92
C VAL A 135 3.53 9.20 -0.76
N THR A 136 3.85 10.26 -0.02
CA THR A 136 3.01 10.70 1.09
C THR A 136 1.63 11.01 0.59
N TYR A 137 1.55 11.79 -0.49
CA TYR A 137 0.24 12.13 -1.07
C TYR A 137 -0.60 10.90 -1.45
N LEU A 138 0.01 9.92 -2.13
CA LEU A 138 -0.73 8.71 -2.51
C LEU A 138 -1.21 7.91 -1.30
N ALA A 139 -0.38 7.85 -0.27
CA ALA A 139 -0.79 7.18 0.93
C ALA A 139 -2.00 7.91 1.54
N ASP A 140 -2.02 9.24 1.49
CA ASP A 140 -3.21 9.99 2.00
C ASP A 140 -4.45 9.71 1.15
N VAL A 141 -4.25 9.60 -0.16
CA VAL A 141 -5.34 9.24 -1.09
C VAL A 141 -5.88 7.88 -0.69
N ALA A 142 -4.99 6.90 -0.53
CA ALA A 142 -5.34 5.57 -0.06
C ALA A 142 -6.17 5.54 1.23
N GLN A 143 -5.78 6.30 2.26
CA GLN A 143 -6.53 6.35 3.50
C GLN A 143 -7.91 6.94 3.29
N ARG A 144 -8.02 7.94 2.42
CA ARG A 144 -9.34 8.51 2.14
C ARG A 144 -10.24 7.50 1.45
N LEU A 145 -9.65 6.76 0.52
CA LEU A 145 -10.41 5.71 -0.19
C LEU A 145 -10.91 4.69 0.81
N SER A 146 -10.04 4.35 1.76
CA SER A 146 -10.38 3.43 2.82
C SER A 146 -11.57 3.92 3.65
N VAL A 147 -11.48 5.16 4.11
CA VAL A 147 -12.53 5.76 4.91
C VAL A 147 -13.82 5.79 4.09
N GLY A 148 -13.69 6.10 2.80
CA GLY A 148 -14.84 6.14 1.92
C GLY A 148 -15.51 4.79 1.85
N GLN A 149 -14.71 3.75 1.69
CA GLN A 149 -15.29 2.42 1.58
C GLN A 149 -15.90 2.01 2.91
N ALA A 150 -15.29 2.43 4.01
CA ALA A 150 -15.82 2.09 5.33
C ALA A 150 -17.21 2.70 5.55
N LEU A 151 -17.33 3.99 5.23
CA LEU A 151 -18.60 4.70 5.33
C LEU A 151 -19.65 3.99 4.52
N ASP A 152 -19.26 3.51 3.34
CA ASP A 152 -20.18 2.78 2.51
C ASP A 152 -20.72 1.60 3.31
N LEU A 153 -19.85 0.61 3.53
CA LEU A 153 -20.20 -0.57 4.31
C LEU A 153 -21.03 -0.24 5.55
N GLU A 154 -20.85 0.97 6.05
CA GLU A 154 -21.50 1.47 7.25
C GLU A 154 -22.86 2.08 6.93
N GLY A 155 -23.29 1.97 5.66
CA GLY A 155 -24.54 2.58 5.21
C GLY A 155 -24.52 4.09 5.37
N GLU A 156 -23.40 4.70 4.98
CA GLU A 156 -23.22 6.15 5.08
C GLU A 156 -22.94 6.80 3.74
N ARG A 157 -23.68 6.39 2.72
CA ARG A 157 -23.50 6.93 1.38
C ARG A 157 -23.30 8.45 1.35
N ASP A 158 -24.01 9.17 2.21
CA ASP A 158 -23.89 10.62 2.26
C ASP A 158 -22.45 11.07 2.41
N LYS A 159 -21.84 10.67 3.53
CA LYS A 159 -20.46 11.06 3.84
C LYS A 159 -19.43 10.35 2.95
N ALA A 160 -19.83 9.22 2.38
CA ALA A 160 -18.97 8.38 1.54
C ALA A 160 -18.74 8.92 0.12
N ALA A 161 -19.65 9.78 -0.33
CA ALA A 161 -19.62 10.36 -1.68
C ALA A 161 -18.22 10.83 -2.12
N GLU A 162 -17.63 11.69 -1.31
CA GLU A 162 -16.35 12.31 -1.61
C GLU A 162 -15.12 11.46 -1.32
N PHE A 163 -15.27 10.31 -0.67
CA PHE A 163 -14.10 9.51 -0.34
C PHE A 163 -14.04 8.24 -1.14
N LYS A 164 -15.14 7.86 -1.75
CA LYS A 164 -15.20 6.54 -2.39
C LYS A 164 -14.36 6.39 -3.68
N THR A 165 -14.46 7.34 -4.60
CA THR A 165 -13.68 7.25 -5.84
C THR A 165 -13.04 8.58 -6.18
N ALA A 166 -13.68 9.67 -5.76
CA ALA A 166 -13.15 11.00 -6.02
C ALA A 166 -11.64 11.12 -5.73
N PRO A 167 -11.17 10.57 -4.60
CA PRO A 167 -9.75 10.68 -4.26
C PRO A 167 -8.80 10.27 -5.41
N LEU A 168 -9.14 9.26 -6.19
CA LEU A 168 -8.30 8.89 -7.34
C LEU A 168 -8.45 9.84 -8.51
N ILE A 169 -9.66 10.34 -8.74
CA ILE A 169 -9.85 11.31 -9.81
C ILE A 169 -9.02 12.53 -9.45
N GLU A 170 -9.03 12.88 -8.17
CA GLU A 170 -8.26 14.01 -7.69
C GLU A 170 -6.76 13.78 -7.87
N ALA A 171 -6.29 12.59 -7.56
CA ALA A 171 -4.85 12.30 -7.71
C ALA A 171 -4.40 12.39 -9.16
N ALA A 172 -5.30 12.13 -10.13
CA ALA A 172 -4.93 12.26 -11.55
C ALA A 172 -4.56 13.69 -11.88
N LEU A 173 -5.19 14.66 -11.20
CA LEU A 173 -4.88 16.08 -11.42
C LEU A 173 -3.76 16.63 -10.50
N VAL A 174 -3.73 16.18 -9.25
CA VAL A 174 -2.75 16.70 -8.28
C VAL A 174 -1.34 16.09 -8.51
N MET A 175 -1.24 14.81 -8.84
CA MET A 175 0.12 14.22 -9.04
C MET A 175 1.04 15.02 -9.98
N PRO A 176 0.54 15.34 -11.18
CA PRO A 176 1.38 16.06 -12.11
C PRO A 176 1.79 17.45 -11.56
N LEU A 177 0.93 18.09 -10.79
CA LEU A 177 1.27 19.40 -10.23
C LEU A 177 2.40 19.27 -9.22
N VAL A 178 2.34 18.23 -8.40
CA VAL A 178 3.40 17.98 -7.43
C VAL A 178 4.69 17.67 -8.16
N ILE A 179 4.61 16.76 -9.13
CA ILE A 179 5.78 16.38 -9.90
C ILE A 179 6.48 17.57 -10.59
N LEU A 180 5.69 18.41 -11.25
CA LEU A 180 6.22 19.56 -11.96
C LEU A 180 6.44 20.80 -11.06
N GLY A 181 6.13 20.68 -9.77
CA GLY A 181 6.28 21.79 -8.84
C GLY A 181 5.39 22.98 -9.20
N ARG A 182 4.13 22.73 -9.50
CA ARG A 182 3.22 23.82 -9.82
C ARG A 182 2.15 23.75 -8.76
N ARG A 183 2.58 24.03 -7.54
CA ARG A 183 1.76 23.98 -6.34
C ARG A 183 0.61 24.98 -6.30
N GLU A 184 0.77 26.07 -7.03
CA GLU A 184 -0.23 27.12 -7.04
C GLU A 184 -1.59 26.65 -7.54
N LEU A 185 -1.60 25.58 -8.33
CA LEU A 185 -2.85 25.05 -8.84
C LEU A 185 -3.43 23.88 -8.05
N ILE A 186 -2.69 23.40 -7.07
CA ILE A 186 -3.15 22.22 -6.32
C ILE A 186 -4.49 22.40 -5.64
N GLU A 187 -4.67 23.50 -4.92
CA GLU A 187 -5.94 23.69 -4.24
C GLU A 187 -7.13 23.62 -5.19
N THR A 188 -7.05 24.31 -6.31
CA THR A 188 -8.15 24.29 -7.28
C THR A 188 -8.32 22.90 -7.93
N ALA A 189 -7.20 22.27 -8.26
CA ALA A 189 -7.22 20.90 -8.84
C ALA A 189 -7.95 19.93 -7.91
N LYS A 190 -7.67 20.03 -6.61
CA LYS A 190 -8.36 19.19 -5.63
C LYS A 190 -9.86 19.42 -5.64
N LYS A 191 -10.30 20.68 -5.51
CA LYS A 191 -11.74 20.96 -5.58
C LYS A 191 -12.35 20.40 -6.85
N LEU A 192 -11.74 20.75 -7.98
CA LEU A 192 -12.25 20.31 -9.26
C LEU A 192 -12.31 18.78 -9.33
N GLY A 193 -11.20 18.14 -8.98
CA GLY A 193 -11.13 16.67 -9.01
C GLY A 193 -12.15 16.01 -8.10
N THR A 194 -12.33 16.58 -6.92
CA THR A 194 -13.27 16.05 -5.96
C THR A 194 -14.69 16.11 -6.53
N LYS A 195 -15.06 17.27 -7.06
CA LYS A 195 -16.38 17.42 -7.68
C LYS A 195 -16.54 16.51 -8.89
N LEU A 196 -15.51 16.43 -9.71
CA LEU A 196 -15.62 15.60 -10.90
C LEU A 196 -15.87 14.17 -10.42
N GLY A 197 -15.16 13.77 -9.38
CA GLY A 197 -15.33 12.44 -8.82
C GLY A 197 -16.72 12.21 -8.26
N ILE A 198 -17.26 13.20 -7.55
CA ILE A 198 -18.58 13.07 -6.98
C ILE A 198 -19.60 12.90 -8.09
N LEU A 199 -19.45 13.73 -9.12
CA LEU A 199 -20.33 13.72 -10.27
C LEU A 199 -20.19 12.41 -11.05
N TYR A 200 -18.96 11.99 -11.22
CA TYR A 200 -18.67 10.79 -11.97
C TYR A 200 -18.94 9.53 -11.19
N GLN A 201 -19.41 9.67 -9.97
CA GLN A 201 -19.70 8.50 -9.16
C GLN A 201 -20.83 7.67 -9.74
N TYR A 202 -21.85 8.34 -10.25
CA TYR A 202 -23.03 7.68 -10.82
C TYR A 202 -22.84 6.82 -12.07
N SER A 203 -22.02 7.27 -13.01
CA SER A 203 -21.79 6.52 -14.24
C SER A 203 -20.59 5.58 -14.13
N ARG A 213 -30.32 15.03 -9.90
CA ARG A 213 -30.23 15.85 -11.09
C ARG A 213 -30.14 17.32 -10.72
N PRO A 214 -31.00 17.74 -9.79
CA PRO A 214 -31.01 19.12 -9.33
C PRO A 214 -29.60 19.55 -8.94
N GLU A 215 -28.99 18.76 -8.07
CA GLU A 215 -27.65 18.99 -7.59
C GLU A 215 -26.65 18.85 -8.74
N THR A 216 -26.88 17.90 -9.64
CA THR A 216 -25.90 17.63 -10.69
C THR A 216 -25.49 18.88 -11.46
N LYS A 217 -26.43 19.76 -11.76
CA LYS A 217 -26.08 20.99 -12.43
C LYS A 217 -25.35 21.96 -11.49
N SER A 218 -25.71 21.94 -10.21
CA SER A 218 -25.02 22.79 -9.25
C SER A 218 -23.55 22.38 -9.21
N ILE A 219 -23.30 21.10 -9.42
CA ILE A 219 -21.95 20.56 -9.42
C ILE A 219 -21.24 20.95 -10.72
N ALA A 220 -21.91 20.81 -11.85
CA ALA A 220 -21.32 21.20 -13.13
C ALA A 220 -21.01 22.70 -13.12
N ASN A 221 -21.82 23.49 -12.42
CA ASN A 221 -21.57 24.93 -12.33
C ASN A 221 -20.32 25.21 -11.52
N GLU A 222 -20.14 24.48 -10.43
CA GLU A 222 -18.97 24.65 -9.61
C GLU A 222 -17.73 24.28 -10.41
N ILE A 223 -17.83 23.23 -11.19
CA ILE A 223 -16.69 22.80 -12.00
C ILE A 223 -16.31 23.88 -13.00
N GLY A 224 -17.32 24.43 -13.68
CA GLY A 224 -17.10 25.50 -14.63
C GLY A 224 -16.27 26.62 -13.98
N ARG A 225 -16.58 26.94 -12.73
CA ARG A 225 -15.84 28.01 -12.04
C ARG A 225 -14.43 27.62 -11.71
N TYR A 226 -14.17 26.33 -11.51
CA TYR A 226 -12.80 25.93 -11.22
C TYR A 226 -11.97 25.95 -12.51
N LEU A 227 -12.62 25.59 -13.62
CA LEU A 227 -12.02 25.61 -14.93
C LEU A 227 -11.65 27.01 -15.30
N LEU A 228 -12.55 27.93 -14.98
CA LEU A 228 -12.32 29.33 -15.27
C LEU A 228 -11.09 29.81 -14.50
N LYS A 229 -10.96 29.39 -13.25
CA LYS A 229 -9.78 29.76 -12.45
C LYS A 229 -8.48 29.21 -13.05
N ILE A 230 -8.53 27.99 -13.57
CA ILE A 230 -7.33 27.44 -14.19
C ILE A 230 -7.04 28.18 -15.48
N LYS A 231 -8.09 28.54 -16.21
CA LYS A 231 -7.92 29.27 -17.47
C LYS A 231 -7.22 30.61 -17.25
N GLU A 232 -7.67 31.35 -16.24
CA GLU A 232 -7.05 32.62 -15.89
C GLU A 232 -5.56 32.41 -15.62
N HIS A 233 -5.19 31.23 -15.18
CA HIS A 233 -3.80 30.96 -14.87
C HIS A 233 -2.98 30.45 -16.08
N VAL A 234 -3.59 29.71 -16.99
CA VAL A 234 -2.79 29.16 -18.10
C VAL A 234 -3.23 29.57 -19.51
N GLY A 235 -4.35 30.28 -19.62
CA GLY A 235 -4.79 30.71 -20.93
C GLY A 235 -5.40 29.58 -21.76
N ASP A 236 -5.51 29.80 -23.06
CA ASP A 236 -6.16 28.86 -23.94
C ASP A 236 -5.54 27.48 -24.05
N ALA A 237 -4.36 27.33 -23.48
CA ALA A 237 -3.71 26.03 -23.46
C ALA A 237 -4.59 25.03 -22.70
N ILE A 238 -5.46 25.54 -21.84
CA ILE A 238 -6.33 24.70 -21.10
C ILE A 238 -7.41 24.05 -22.01
N ALA A 239 -7.51 24.48 -23.26
CA ALA A 239 -8.65 24.01 -24.12
C ALA A 239 -8.89 22.48 -24.20
N PRO A 240 -7.83 21.68 -24.43
CA PRO A 240 -8.12 20.24 -24.48
C PRO A 240 -8.59 19.66 -23.15
N PHE A 241 -8.10 20.16 -22.01
CA PHE A 241 -8.56 19.67 -20.75
C PHE A 241 -10.05 20.10 -20.59
N GLU A 242 -10.34 21.35 -20.93
CA GLU A 242 -11.71 21.86 -20.83
C GLU A 242 -12.68 21.01 -21.67
N ARG A 243 -12.30 20.66 -22.90
CA ARG A 243 -13.15 19.80 -23.73
C ARG A 243 -13.40 18.46 -23.04
N LEU A 244 -12.35 17.91 -22.43
CA LEU A 244 -12.49 16.64 -21.75
C LEU A 244 -13.42 16.72 -20.53
N ILE A 245 -13.24 17.73 -19.70
CA ILE A 245 -14.13 17.89 -18.56
C ILE A 245 -15.59 18.13 -19.05
N LYS A 246 -15.77 18.99 -20.04
CA LYS A 246 -17.13 19.24 -20.54
C LYS A 246 -17.76 17.98 -21.11
N TYR A 247 -16.95 17.14 -21.71
CA TYR A 247 -17.42 15.88 -22.27
C TYR A 247 -17.85 14.93 -21.15
N LEU A 248 -17.04 14.83 -20.10
CA LEU A 248 -17.39 13.97 -18.98
C LEU A 248 -18.66 14.50 -18.30
N ILE A 249 -18.72 15.83 -18.17
CA ILE A 249 -19.88 16.47 -17.61
C ILE A 249 -21.07 16.13 -18.48
N GLY A 250 -20.89 16.16 -19.77
CA GLY A 250 -21.96 15.86 -20.68
C GLY A 250 -22.60 14.51 -20.42
N LYS A 251 -21.79 13.47 -20.45
CA LYS A 251 -22.32 12.13 -20.25
C LYS A 251 -22.99 11.99 -18.90
N ALA A 252 -22.46 12.65 -17.90
CA ALA A 252 -23.07 12.61 -16.58
C ALA A 252 -24.47 13.22 -16.63
N LEU A 253 -24.64 14.25 -17.45
CA LEU A 253 -25.92 14.92 -17.60
C LEU A 253 -26.82 14.28 -18.66
N GLU A 254 -26.33 13.24 -19.31
CA GLU A 254 -27.09 12.56 -20.34
C GLU A 254 -27.97 11.51 -19.68
N LEU B 6 15.41 -8.93 29.54
CA LEU B 6 16.26 -8.15 28.64
C LEU B 6 16.82 -6.95 29.35
N PRO B 7 17.68 -6.24 28.66
CA PRO B 7 18.31 -5.04 29.22
C PRO B 7 17.26 -4.00 29.48
N PRO B 8 17.48 -3.17 30.48
CA PRO B 8 16.53 -2.12 30.84
C PRO B 8 16.33 -1.15 29.69
N GLU B 9 17.39 -0.83 28.98
CA GLU B 9 17.26 0.12 27.89
C GLU B 9 16.32 -0.39 26.79
N VAL B 10 16.41 -1.66 26.45
CA VAL B 10 15.53 -2.21 25.44
C VAL B 10 14.08 -2.18 25.88
N LEU B 11 13.85 -2.53 27.13
CA LEU B 11 12.51 -2.56 27.67
C LEU B 11 11.91 -1.17 27.61
N ALA B 12 12.72 -0.17 27.87
CA ALA B 12 12.26 1.21 27.82
C ALA B 12 11.91 1.63 26.39
N ALA B 13 12.74 1.19 25.44
CA ALA B 13 12.51 1.47 24.04
C ALA B 13 11.17 0.87 23.66
N LEU B 14 11.00 -0.39 24.00
CA LEU B 14 9.79 -1.13 23.72
C LEU B 14 8.55 -0.41 24.27
N GLU B 15 8.70 0.32 25.36
CA GLU B 15 7.56 1.04 25.95
C GLU B 15 7.19 2.24 25.11
N ARG B 16 8.19 2.93 24.57
CA ARG B 16 7.95 4.06 23.67
C ARG B 16 7.22 3.57 22.41
N VAL B 17 7.68 2.43 21.88
CA VAL B 17 7.05 1.84 20.70
C VAL B 17 5.58 1.55 21.01
N LYS B 18 5.32 0.85 22.11
CA LYS B 18 3.96 0.55 22.53
C LYS B 18 3.13 1.83 22.68
N ALA B 19 3.73 2.90 23.19
CA ALA B 19 2.97 4.15 23.33
C ALA B 19 2.67 4.75 21.96
N ARG B 20 3.61 4.59 21.03
CA ARG B 20 3.45 5.04 19.66
C ARG B 20 2.36 4.27 18.92
N LEU B 21 2.36 2.94 19.08
CA LEU B 21 1.37 2.09 18.46
C LEU B 21 -0.02 2.40 19.00
N ASN B 22 -0.08 2.79 20.26
CA ASN B 22 -1.37 3.09 20.88
C ASN B 22 -2.02 4.35 20.28
N LYS B 23 -1.25 5.16 19.55
CA LYS B 23 -1.83 6.36 18.95
C LYS B 23 -2.43 6.11 17.54
N VAL B 24 -1.97 5.04 16.92
CA VAL B 24 -2.41 4.73 15.56
C VAL B 24 -3.95 4.57 15.45
N GLY B 25 -4.53 5.34 14.56
CA GLY B 25 -5.96 5.22 14.40
C GLY B 25 -6.76 5.77 15.58
N GLU B 26 -6.12 6.45 16.52
CA GLU B 26 -6.82 6.86 17.73
C GLU B 26 -8.10 7.63 17.51
N GLU B 27 -8.14 8.49 16.52
CA GLU B 27 -9.36 9.24 16.22
C GLU B 27 -9.96 8.83 14.90
N LEU B 28 -9.62 7.64 14.40
CA LEU B 28 -10.12 7.24 13.10
C LEU B 28 -11.65 7.13 13.01
N GLU B 29 -12.22 7.63 11.90
CA GLU B 29 -13.65 7.51 11.69
C GLU B 29 -13.86 6.80 10.35
N PRO B 30 -14.94 6.02 10.20
CA PRO B 30 -15.97 5.72 11.18
C PRO B 30 -15.44 4.78 12.26
N ILE B 31 -16.22 4.62 13.31
CA ILE B 31 -15.79 3.83 14.45
C ILE B 31 -15.58 2.35 14.11
N SER B 32 -16.40 1.82 13.19
CA SER B 32 -16.27 0.41 12.78
C SER B 32 -14.89 0.16 12.14
N LEU B 33 -14.39 1.16 11.42
CA LEU B 33 -13.06 1.08 10.82
C LEU B 33 -11.98 1.16 11.89
N ARG B 34 -12.12 2.10 12.82
CA ARG B 34 -11.13 2.22 13.88
C ARG B 34 -10.98 0.91 14.70
N LYS B 35 -12.11 0.31 15.06
CA LYS B 35 -12.07 -0.92 15.83
C LYS B 35 -11.35 -2.06 15.08
N ALA B 36 -11.66 -2.17 13.78
CA ALA B 36 -11.04 -3.19 12.94
C ALA B 36 -9.53 -2.91 12.84
N VAL B 37 -9.17 -1.64 12.72
CA VAL B 37 -7.77 -1.22 12.66
C VAL B 37 -7.04 -1.47 13.98
N ARG B 38 -7.69 -1.20 15.10
CA ARG B 38 -6.99 -1.24 16.37
C ARG B 38 -7.05 -2.57 17.11
N HIS B 39 -7.94 -3.48 16.68
CA HIS B 39 -8.09 -4.74 17.38
C HIS B 39 -6.76 -5.42 17.72
N TYR B 40 -5.89 -5.55 16.72
CA TYR B 40 -4.64 -6.28 16.92
C TYR B 40 -3.54 -5.39 17.50
N ILE B 41 -3.82 -4.11 17.65
CA ILE B 41 -2.88 -3.20 18.29
C ILE B 41 -3.18 -3.30 19.78
N GLU B 42 -4.48 -3.28 20.09
CA GLU B 42 -4.96 -3.33 21.48
C GLU B 42 -4.95 -4.70 22.16
N THR B 43 -5.15 -5.79 21.42
CA THR B 43 -5.14 -7.11 22.09
C THR B 43 -3.70 -7.39 22.51
N PRO B 44 -3.52 -8.04 23.67
CA PRO B 44 -2.19 -8.35 24.18
C PRO B 44 -1.43 -9.30 23.26
N GLY B 45 -0.30 -8.86 22.74
CA GLY B 45 0.51 -9.68 21.85
C GLY B 45 1.92 -9.83 22.38
N LYS B 46 2.74 -10.58 21.67
CA LYS B 46 4.12 -10.80 22.08
C LYS B 46 5.05 -9.68 21.61
N LEU B 47 4.67 -9.01 20.53
CA LEU B 47 5.52 -7.96 19.97
C LEU B 47 6.89 -8.52 19.60
N LEU B 48 6.88 -9.71 19.02
CA LEU B 48 8.11 -10.36 18.62
C LEU B 48 8.95 -9.49 17.69
N ARG B 49 8.34 -9.00 16.62
CA ARG B 49 9.09 -8.23 15.61
C ARG B 49 9.72 -6.93 16.16
N PRO B 50 8.93 -6.10 16.84
CA PRO B 50 9.54 -4.90 17.37
C PRO B 50 10.67 -5.25 18.34
N LEU B 51 10.49 -6.32 19.09
CA LEU B 51 11.47 -6.74 20.08
C LEU B 51 12.75 -7.19 19.38
N LEU B 52 12.61 -8.01 18.35
CA LEU B 52 13.76 -8.47 17.59
C LEU B 52 14.53 -7.31 17.03
N LEU B 53 13.81 -6.27 16.63
CA LEU B 53 14.43 -5.10 15.99
C LEU B 53 15.19 -4.24 16.99
N LEU B 54 14.56 -3.97 18.12
CA LEU B 54 15.17 -3.14 19.15
C LEU B 54 16.39 -3.79 19.78
N THR B 55 16.30 -5.08 20.03
CA THR B 55 17.39 -5.84 20.61
C THR B 55 18.58 -5.96 19.65
N PHE B 56 18.29 -6.15 18.37
CA PHE B 56 19.33 -6.26 17.35
C PHE B 56 20.05 -4.92 17.23
N THR B 57 19.28 -3.84 17.36
CA THR B 57 19.83 -2.51 17.28
C THR B 57 20.77 -2.29 18.45
N TYR B 58 20.23 -2.42 19.66
CA TYR B 58 21.00 -2.27 20.88
C TYR B 58 22.31 -3.06 20.78
N SER B 59 22.23 -4.29 20.30
CA SER B 59 23.41 -5.09 20.18
C SER B 59 24.44 -4.53 19.21
N ILE B 60 24.02 -4.12 18.03
CA ILE B 60 24.91 -3.46 17.10
C ILE B 60 25.33 -2.03 17.44
N ASP B 61 24.41 -1.23 17.97
CA ASP B 61 24.72 0.15 18.29
C ASP B 61 23.89 0.62 19.46
N ARG B 62 24.41 0.52 20.66
CA ARG B 62 23.65 0.80 21.85
C ARG B 62 23.15 2.22 21.85
N ARG B 63 23.95 3.10 21.30
CA ARG B 63 23.63 4.51 21.24
C ARG B 63 22.32 4.77 20.48
N SER B 64 22.08 3.98 19.44
CA SER B 64 20.94 4.18 18.56
C SER B 64 19.62 3.59 19.03
N ILE B 65 19.61 3.01 20.22
CA ILE B 65 18.42 2.37 20.74
C ILE B 65 17.25 3.31 20.89
N MET B 66 17.50 4.55 21.27
CA MET B 66 16.46 5.51 21.43
C MET B 66 16.38 6.50 20.26
N ASP B 67 17.04 6.16 19.16
CA ASP B 67 16.99 6.94 17.94
C ASP B 67 15.56 6.95 17.41
N PRO B 68 15.05 8.10 17.04
CA PRO B 68 13.64 8.22 16.60
C PRO B 68 13.31 7.35 15.39
N ARG B 69 14.24 7.26 14.44
CA ARG B 69 14.05 6.41 13.26
C ARG B 69 13.93 4.93 13.64
N ILE B 70 14.65 4.52 14.68
CA ILE B 70 14.65 3.12 15.13
C ILE B 70 13.33 2.73 15.82
N LEU B 71 12.79 3.65 16.60
CA LEU B 71 11.52 3.46 17.29
C LEU B 71 10.39 3.39 16.26
N GLU B 72 10.41 4.30 15.29
CA GLU B 72 9.43 4.35 14.22
C GLU B 72 9.47 3.07 13.38
N ALA B 73 10.66 2.58 13.11
CA ALA B 73 10.82 1.34 12.34
C ALA B 73 10.20 0.13 13.05
N ALA B 74 10.43 0.05 14.37
CA ALA B 74 9.85 -1.02 15.15
C ALA B 74 8.30 -0.93 15.11
N ALA B 75 7.78 0.29 15.15
CA ALA B 75 6.34 0.49 15.10
C ALA B 75 5.82 0.03 13.74
N ILE B 76 6.52 0.43 12.68
CA ILE B 76 6.19 0.06 11.33
C ILE B 76 6.14 -1.43 11.14
N VAL B 77 7.15 -2.15 11.62
CA VAL B 77 7.16 -3.60 11.44
C VAL B 77 6.02 -4.27 12.21
N GLU B 78 5.64 -3.71 13.35
CA GLU B 78 4.49 -4.26 14.03
C GLU B 78 3.19 -3.95 13.26
N LEU B 79 3.12 -2.77 12.60
CA LEU B 79 1.87 -2.45 11.85
C LEU B 79 1.76 -3.39 10.66
N LEU B 80 2.88 -3.69 10.01
CA LEU B 80 2.84 -4.62 8.85
C LEU B 80 2.45 -6.01 9.28
N HIS B 81 2.83 -6.39 10.50
CA HIS B 81 2.43 -7.66 11.06
C HIS B 81 0.91 -7.63 11.29
N VAL B 82 0.41 -6.52 11.78
CA VAL B 82 -1.04 -6.41 11.95
C VAL B 82 -1.81 -6.57 10.59
N VAL B 83 -1.33 -5.87 9.55
CA VAL B 83 -1.84 -6.01 8.21
C VAL B 83 -1.83 -7.49 7.82
N SER B 84 -0.74 -8.20 8.08
CA SER B 84 -0.71 -9.62 7.68
C SER B 84 -1.78 -10.44 8.43
N LEU B 85 -1.97 -10.14 9.73
CA LEU B 85 -2.98 -10.86 10.51
C LEU B 85 -4.36 -10.65 9.93
N LEU B 86 -4.69 -9.39 9.65
CA LEU B 86 -6.01 -9.05 9.15
C LEU B 86 -6.28 -9.73 7.81
N GLN B 87 -5.28 -9.71 6.94
CA GLN B 87 -5.42 -10.35 5.65
C GLN B 87 -5.53 -11.86 5.74
N ASP B 88 -4.72 -12.47 6.62
CA ASP B 88 -4.79 -13.92 6.75
C ASP B 88 -6.18 -14.28 7.25
N ASP B 89 -6.69 -13.51 8.20
CA ASP B 89 -8.05 -13.78 8.69
C ASP B 89 -9.03 -13.87 7.52
N VAL B 90 -8.87 -12.99 6.53
CA VAL B 90 -9.83 -12.96 5.42
C VAL B 90 -9.56 -14.08 4.41
N MET B 91 -8.29 -14.28 4.07
CA MET B 91 -7.87 -15.35 3.17
C MET B 91 -8.48 -16.64 3.62
N ASP B 92 -8.12 -17.00 4.84
CA ASP B 92 -8.52 -18.24 5.50
C ASP B 92 -9.83 -18.18 6.27
N GLN B 93 -10.60 -17.11 6.12
CA GLN B 93 -11.89 -17.04 6.79
C GLN B 93 -11.81 -17.45 8.25
N HIS B 94 -10.80 -16.98 8.97
CA HIS B 94 -10.65 -17.32 10.39
C HIS B 94 -11.67 -16.59 11.26
N ASP B 95 -12.28 -17.30 12.19
CA ASP B 95 -13.25 -16.69 13.09
C ASP B 95 -12.60 -16.36 14.41
N GLN B 96 -11.53 -17.08 14.71
CA GLN B 96 -10.81 -16.87 15.94
C GLN B 96 -9.32 -17.02 15.69
N ARG B 97 -8.54 -16.30 16.50
CA ARG B 97 -7.10 -16.36 16.43
C ARG B 97 -6.65 -16.47 17.86
N ARG B 98 -6.36 -17.70 18.24
CA ARG B 98 -5.95 -18.08 19.59
C ARG B 98 -7.01 -17.69 20.61
N GLY B 99 -8.23 -18.19 20.40
CA GLY B 99 -9.34 -17.97 21.32
C GLY B 99 -10.04 -16.63 21.21
N ILE B 100 -9.48 -15.72 20.43
CA ILE B 100 -10.06 -14.38 20.30
C ILE B 100 -10.70 -14.14 18.94
N LYS B 101 -11.99 -13.81 18.94
CA LYS B 101 -12.66 -13.53 17.67
C LYS B 101 -11.91 -12.47 16.88
N THR B 102 -11.84 -12.68 15.58
CA THR B 102 -11.11 -11.81 14.71
C THR B 102 -11.96 -10.65 14.26
N PRO B 103 -11.30 -9.60 13.75
CA PRO B 103 -12.01 -8.47 13.20
C PRO B 103 -12.97 -8.92 12.10
N ARG B 104 -12.57 -9.83 11.21
CA ARG B 104 -13.52 -10.22 10.16
C ARG B 104 -14.74 -10.90 10.77
N ALA B 105 -14.56 -11.71 11.81
CA ALA B 105 -15.71 -12.35 12.43
C ALA B 105 -16.64 -11.33 13.09
N MET B 106 -16.07 -10.39 13.81
CA MET B 106 -16.86 -9.39 14.52
C MET B 106 -17.41 -8.29 13.64
N TYR B 107 -16.67 -7.87 12.61
CA TYR B 107 -17.08 -6.70 11.83
C TYR B 107 -17.28 -6.86 10.32
N GLY B 108 -17.07 -8.07 9.80
CA GLY B 108 -17.22 -8.32 8.37
C GLY B 108 -15.88 -8.32 7.66
N ASP B 109 -15.80 -9.01 6.52
CA ASP B 109 -14.56 -9.05 5.74
C ASP B 109 -14.23 -7.69 5.13
N GLY B 110 -15.27 -6.92 4.83
CA GLY B 110 -15.09 -5.61 4.22
C GLY B 110 -14.32 -4.67 5.12
N ARG B 111 -14.68 -4.62 6.38
CA ARG B 111 -13.98 -3.76 7.34
C ARG B 111 -12.53 -4.26 7.57
N ALA B 112 -12.36 -5.58 7.63
CA ALA B 112 -11.02 -6.15 7.84
C ALA B 112 -10.07 -5.77 6.71
N ILE B 113 -10.55 -5.86 5.48
CA ILE B 113 -9.78 -5.49 4.29
C ILE B 113 -9.44 -4.02 4.23
N VAL B 114 -10.44 -3.19 4.45
CA VAL B 114 -10.25 -1.77 4.40
C VAL B 114 -9.30 -1.32 5.53
N ALA B 115 -9.38 -1.98 6.69
CA ALA B 115 -8.47 -1.67 7.79
C ALA B 115 -7.05 -2.07 7.40
N SER B 116 -6.86 -3.17 6.66
CA SER B 116 -5.49 -3.51 6.26
C SER B 116 -4.95 -2.48 5.26
N ASP B 117 -5.79 -2.02 4.33
CA ASP B 117 -5.46 -0.95 3.41
C ASP B 117 -5.11 0.33 4.15
N TRP B 118 -5.93 0.70 5.13
CA TRP B 118 -5.65 1.93 5.88
C TRP B 118 -4.29 1.80 6.58
N LEU B 119 -4.05 0.64 7.20
CA LEU B 119 -2.75 0.39 7.90
C LEU B 119 -1.51 0.35 6.99
N ILE B 120 -1.67 -0.16 5.77
CA ILE B 120 -0.60 -0.17 4.79
C ILE B 120 -0.25 1.26 4.44
N ALA B 121 -1.26 2.08 4.17
CA ALA B 121 -1.00 3.50 3.91
C ALA B 121 -0.31 4.22 5.11
N GLU B 122 -0.74 3.91 6.32
CA GLU B 122 -0.18 4.50 7.53
C GLU B 122 1.28 4.09 7.69
N SER B 123 1.54 2.84 7.39
CA SER B 123 2.89 2.28 7.44
C SER B 123 3.82 2.98 6.47
N ILE B 124 3.32 3.20 5.27
CA ILE B 124 4.02 3.95 4.24
C ILE B 124 4.25 5.40 4.64
N LYS B 125 3.22 6.07 5.15
CA LYS B 125 3.42 7.45 5.59
C LYS B 125 4.59 7.50 6.58
N MET B 126 4.61 6.59 7.54
CA MET B 126 5.69 6.55 8.54
C MET B 126 7.03 6.21 7.92
N ALA B 127 7.05 5.25 6.99
CA ALA B 127 8.28 4.79 6.31
C ALA B 127 8.99 5.86 5.47
N VAL B 128 8.19 6.73 4.86
CA VAL B 128 8.75 7.82 4.06
C VAL B 128 9.84 8.56 4.80
N ASN B 129 9.63 8.83 6.09
CA ASN B 129 10.60 9.56 6.89
C ASN B 129 11.90 8.80 7.05
N LEU B 130 11.88 7.51 6.74
CA LEU B 130 13.07 6.67 6.89
C LEU B 130 13.86 6.57 5.59
N GLY B 131 13.39 7.26 4.56
CA GLY B 131 14.10 7.27 3.29
C GLY B 131 13.61 6.29 2.24
N ALA B 132 13.97 6.57 1.00
CA ALA B 132 13.59 5.80 -0.18
C ALA B 132 14.01 4.32 -0.14
N ASP B 133 15.22 4.04 0.32
CA ASP B 133 15.67 2.64 0.42
C ASP B 133 14.79 1.84 1.39
N VAL B 134 14.40 2.47 2.49
CA VAL B 134 13.54 1.76 3.41
C VAL B 134 12.15 1.53 2.76
N VAL B 135 11.58 2.55 2.13
CA VAL B 135 10.25 2.41 1.51
C VAL B 135 10.28 1.30 0.45
N THR B 136 11.28 1.31 -0.41
CA THR B 136 11.38 0.30 -1.47
C THR B 136 11.52 -1.09 -0.91
N TYR B 137 12.33 -1.22 0.14
CA TYR B 137 12.55 -2.51 0.77
C TYR B 137 11.25 -3.08 1.35
N LEU B 138 10.49 -2.28 2.09
CA LEU B 138 9.21 -2.72 2.65
C LEU B 138 8.24 -3.17 1.54
N ALA B 139 8.25 -2.44 0.43
CA ALA B 139 7.41 -2.82 -0.71
C ALA B 139 7.86 -4.17 -1.28
N ASP B 140 9.18 -4.42 -1.32
CA ASP B 140 9.67 -5.70 -1.77
CA ASP B 140 9.66 -5.71 -1.80
C ASP B 140 9.22 -6.79 -0.81
N VAL B 141 9.28 -6.47 0.48
CA VAL B 141 8.87 -7.41 1.52
C VAL B 141 7.40 -7.79 1.28
N ALA B 142 6.55 -6.77 1.13
CA ALA B 142 5.11 -6.98 0.86
C ALA B 142 4.89 -7.87 -0.36
N GLN B 143 5.62 -7.64 -1.45
CA GLN B 143 5.45 -8.50 -2.64
C GLN B 143 5.86 -9.95 -2.37
N ARG B 144 6.80 -10.15 -1.46
CA ARG B 144 7.18 -11.53 -1.13
C ARG B 144 6.10 -12.24 -0.34
N LEU B 145 5.50 -11.52 0.59
CA LEU B 145 4.41 -12.07 1.38
C LEU B 145 3.23 -12.39 0.48
N SER B 146 2.96 -11.52 -0.48
CA SER B 146 1.85 -11.74 -1.40
C SER B 146 2.09 -12.98 -2.24
N VAL B 147 3.31 -13.15 -2.72
CA VAL B 147 3.65 -14.29 -3.53
C VAL B 147 3.49 -15.58 -2.72
N GLY B 148 3.94 -15.55 -1.48
CA GLY B 148 3.86 -16.71 -0.62
C GLY B 148 2.44 -17.15 -0.39
N GLN B 149 1.55 -16.19 -0.15
CA GLN B 149 0.15 -16.49 0.05
C GLN B 149 -0.45 -17.11 -1.20
N ALA B 150 -0.09 -16.57 -2.36
CA ALA B 150 -0.58 -17.10 -3.61
C ALA B 150 -0.06 -18.52 -3.82
N LEU B 151 1.20 -18.75 -3.49
CA LEU B 151 1.81 -20.07 -3.65
C LEU B 151 1.11 -21.12 -2.79
N ASP B 152 0.72 -20.72 -1.57
CA ASP B 152 -0.03 -21.59 -0.65
C ASP B 152 -1.45 -21.94 -1.14
N LEU B 153 -2.13 -20.93 -1.64
CA LEU B 153 -3.44 -21.08 -2.23
C LEU B 153 -3.35 -21.95 -3.46
N GLU B 154 -2.20 -21.96 -4.09
CA GLU B 154 -1.98 -22.75 -5.29
C GLU B 154 -1.43 -24.15 -5.00
N GLY B 155 -1.33 -24.51 -3.73
CA GLY B 155 -0.83 -25.81 -3.38
C GLY B 155 0.66 -26.10 -3.36
N GLU B 156 1.48 -25.12 -3.00
CA GLU B 156 2.91 -25.36 -2.93
C GLU B 156 3.47 -24.94 -1.57
N ARG B 157 3.15 -25.68 -0.53
CA ARG B 157 3.62 -25.31 0.80
C ARG B 157 5.13 -25.24 0.85
N ASP B 158 5.83 -26.12 0.15
CA ASP B 158 7.29 -26.04 0.20
C ASP B 158 7.92 -24.76 -0.38
N LYS B 159 7.50 -24.35 -1.58
CA LYS B 159 7.96 -23.10 -2.17
C LYS B 159 7.48 -21.85 -1.41
N ALA B 160 6.37 -21.98 -0.71
CA ALA B 160 5.81 -20.85 0.03
C ALA B 160 6.36 -20.69 1.43
N ALA B 161 7.17 -21.63 1.89
CA ALA B 161 7.69 -21.53 3.23
C ALA B 161 8.53 -20.29 3.49
N GLU B 162 9.47 -20.00 2.60
CA GLU B 162 10.32 -18.83 2.77
C GLU B 162 9.57 -17.50 2.68
N PHE B 163 8.61 -17.42 1.78
CA PHE B 163 7.82 -16.21 1.59
C PHE B 163 6.60 -16.04 2.49
N LYS B 164 6.19 -17.09 3.19
CA LYS B 164 5.00 -16.96 4.03
C LYS B 164 5.00 -15.97 5.19
N THR B 165 5.95 -16.07 6.09
CA THR B 165 5.99 -15.13 7.22
C THR B 165 7.37 -14.58 7.52
N ALA B 166 8.37 -15.19 6.90
CA ALA B 166 9.76 -14.86 7.10
C ALA B 166 10.14 -13.44 6.76
N PRO B 167 9.53 -12.90 5.72
CA PRO B 167 9.89 -11.55 5.30
C PRO B 167 9.71 -10.54 6.42
N LEU B 168 8.67 -10.60 7.22
CA LEU B 168 8.56 -9.62 8.29
C LEU B 168 9.66 -9.79 9.32
N ILE B 169 10.02 -11.02 9.64
CA ILE B 169 11.06 -11.26 10.62
C ILE B 169 12.39 -10.72 10.13
N GLU B 170 12.70 -10.96 8.87
CA GLU B 170 13.93 -10.43 8.31
C GLU B 170 13.88 -8.91 8.32
N ALA B 171 12.74 -8.32 7.95
CA ALA B 171 12.63 -6.86 7.96
C ALA B 171 12.97 -6.29 9.35
N ALA B 172 12.58 -7.00 10.40
CA ALA B 172 12.90 -6.55 11.74
C ALA B 172 14.41 -6.40 11.91
N LEU B 173 15.16 -7.30 11.26
CA LEU B 173 16.63 -7.29 11.36
C LEU B 173 17.28 -6.40 10.30
N VAL B 174 16.66 -6.31 9.12
CA VAL B 174 17.25 -5.51 8.06
C VAL B 174 17.04 -4.00 8.20
N MET B 175 15.85 -3.57 8.63
CA MET B 175 15.62 -2.12 8.70
C MET B 175 16.65 -1.36 9.54
N PRO B 176 16.96 -1.87 10.73
CA PRO B 176 17.96 -1.11 11.48
C PRO B 176 19.29 -1.04 10.74
N LEU B 177 19.64 -2.07 9.98
CA LEU B 177 20.91 -2.04 9.24
C LEU B 177 20.90 -0.98 8.15
N VAL B 178 19.81 -0.91 7.39
CA VAL B 178 19.67 0.10 6.35
C VAL B 178 19.66 1.49 6.94
N ILE B 179 18.89 1.68 8.00
CA ILE B 179 18.80 2.97 8.67
C ILE B 179 20.15 3.44 9.22
N LEU B 180 20.89 2.56 9.89
CA LEU B 180 22.17 2.97 10.51
C LEU B 180 23.38 2.93 9.55
N GLY B 181 23.22 2.29 8.39
CA GLY B 181 24.28 2.23 7.39
C GLY B 181 25.24 1.05 7.45
N ARG B 182 24.91 0.07 8.29
CA ARG B 182 25.73 -1.13 8.45
C ARG B 182 25.36 -2.16 7.41
N ARG B 183 25.48 -1.79 6.15
CA ARG B 183 25.08 -2.68 5.07
C ARG B 183 25.84 -4.00 5.02
N GLU B 184 27.02 -4.04 5.62
CA GLU B 184 27.82 -5.29 5.57
C GLU B 184 27.16 -6.46 6.30
N LEU B 185 26.27 -6.15 7.24
CA LEU B 185 25.59 -7.18 8.00
C LEU B 185 24.28 -7.65 7.36
N ILE B 186 23.83 -6.94 6.34
CA ILE B 186 22.54 -7.24 5.70
C ILE B 186 22.41 -8.66 5.17
N GLU B 187 23.36 -9.10 4.34
CA GLU B 187 23.27 -10.44 3.77
C GLU B 187 23.12 -11.52 4.85
N THR B 188 23.82 -11.36 5.97
CA THR B 188 23.73 -12.33 7.06
C THR B 188 22.43 -12.16 7.87
N ALA B 189 22.08 -10.91 8.16
CA ALA B 189 20.85 -10.63 8.87
C ALA B 189 19.69 -11.21 8.07
N LYS B 190 19.72 -11.05 6.74
CA LYS B 190 18.66 -11.65 5.89
C LYS B 190 18.62 -13.15 6.06
N LYS B 191 19.77 -13.78 5.91
CA LYS B 191 19.87 -15.22 6.00
C LYS B 191 19.29 -15.74 7.32
N LEU B 192 19.73 -15.12 8.42
CA LEU B 192 19.27 -15.49 9.76
C LEU B 192 17.78 -15.29 9.92
N GLY B 193 17.29 -14.10 9.56
CA GLY B 193 15.88 -13.80 9.64
C GLY B 193 15.04 -14.82 8.89
N THR B 194 15.55 -15.29 7.76
CA THR B 194 14.82 -16.27 6.97
C THR B 194 14.74 -17.62 7.67
N LYS B 195 15.83 -18.03 8.33
CA LYS B 195 15.86 -19.30 9.05
C LYS B 195 14.98 -19.19 10.29
N LEU B 196 15.09 -18.07 10.98
CA LEU B 196 14.28 -17.82 12.14
C LEU B 196 12.82 -17.90 11.74
N GLY B 197 12.49 -17.32 10.58
CA GLY B 197 11.13 -17.32 10.09
C GLY B 197 10.55 -18.68 9.77
N ILE B 198 11.34 -19.52 9.10
CA ILE B 198 10.89 -20.86 8.74
C ILE B 198 10.65 -21.67 10.01
N LEU B 199 11.52 -21.48 10.97
CA LEU B 199 11.43 -22.15 12.25
C LEU B 199 10.15 -21.75 12.94
N TYR B 200 9.80 -20.47 12.81
CA TYR B 200 8.64 -19.93 13.49
C TYR B 200 7.29 -20.52 13.09
N GLN B 201 7.13 -20.88 11.83
CA GLN B 201 5.85 -21.41 11.38
C GLN B 201 5.47 -22.69 12.12
N TYR B 202 6.43 -23.57 12.37
CA TYR B 202 6.14 -24.80 13.10
C TYR B 202 5.32 -24.50 14.35
N THR B 216 14.61 -29.59 11.13
CA THR B 216 14.31 -28.66 12.22
C THR B 216 15.44 -28.58 13.25
N LYS B 217 16.35 -29.55 13.20
CA LYS B 217 17.50 -29.55 14.11
C LYS B 217 18.65 -28.71 13.57
N SER B 218 18.90 -28.81 12.27
CA SER B 218 19.99 -28.06 11.63
C SER B 218 19.55 -26.64 11.28
N ILE B 219 18.28 -26.33 11.55
CA ILE B 219 17.76 -25.00 11.31
C ILE B 219 18.22 -24.11 12.46
N ALA B 220 18.21 -24.67 13.67
CA ALA B 220 18.68 -23.96 14.85
C ALA B 220 20.21 -24.02 14.90
N ASN B 221 20.78 -24.78 13.98
CA ASN B 221 22.23 -24.93 13.86
C ASN B 221 22.83 -23.84 12.95
N GLU B 222 22.19 -23.63 11.81
CA GLU B 222 22.62 -22.57 10.91
C GLU B 222 22.48 -21.27 11.67
N ILE B 223 21.30 -21.05 12.23
CA ILE B 223 21.04 -19.86 13.03
C ILE B 223 22.19 -19.65 14.00
N GLY B 224 22.78 -20.75 14.45
CA GLY B 224 23.91 -20.68 15.35
C GLY B 224 25.10 -20.08 14.62
N ARG B 225 25.32 -20.53 13.39
CA ARG B 225 26.44 -20.04 12.58
C ARG B 225 26.28 -18.57 12.24
N TYR B 226 25.11 -18.21 11.71
CA TYR B 226 24.87 -16.81 11.33
C TYR B 226 25.03 -15.91 12.55
N LEU B 227 24.67 -16.41 13.73
CA LEU B 227 24.88 -15.64 14.97
C LEU B 227 26.37 -15.48 15.20
N LEU B 228 27.11 -16.49 14.80
CA LEU B 228 28.55 -16.55 14.88
C LEU B 228 29.15 -15.45 14.02
N LYS B 229 28.81 -15.49 12.73
CA LYS B 229 29.30 -14.49 11.79
C LYS B 229 28.99 -13.09 12.29
N ILE B 230 27.77 -12.90 12.79
CA ILE B 230 27.37 -11.60 13.30
C ILE B 230 28.21 -11.20 14.50
N LYS B 231 28.51 -12.19 15.34
CA LYS B 231 29.33 -11.96 16.53
C LYS B 231 30.75 -11.60 16.13
N GLU B 232 31.22 -12.15 15.02
CA GLU B 232 32.56 -11.83 14.53
C GLU B 232 32.61 -10.38 14.04
N HIS B 233 31.44 -9.79 13.81
CA HIS B 233 31.37 -8.38 13.43
C HIS B 233 31.25 -7.43 14.61
N VAL B 234 30.30 -7.68 15.49
CA VAL B 234 30.07 -6.75 16.60
C VAL B 234 30.68 -7.24 17.90
N GLY B 235 31.14 -8.49 17.89
CA GLY B 235 31.73 -9.08 19.08
C GLY B 235 30.70 -9.48 20.13
N ASP B 236 31.02 -9.18 21.38
CA ASP B 236 30.17 -9.55 22.51
C ASP B 236 29.03 -8.58 22.79
N ALA B 237 29.03 -7.42 22.14
CA ALA B 237 27.92 -6.50 22.32
C ALA B 237 26.62 -7.19 21.86
N ILE B 238 26.79 -8.28 21.11
CA ILE B 238 25.69 -9.09 20.56
C ILE B 238 24.99 -9.96 21.61
N ALA B 239 25.51 -9.97 22.82
CA ALA B 239 24.95 -10.82 23.90
C ALA B 239 23.42 -10.86 24.00
N PRO B 240 22.78 -9.69 24.27
CA PRO B 240 21.31 -9.59 24.45
C PRO B 240 20.54 -10.26 23.32
N PHE B 241 20.98 -9.99 22.09
CA PHE B 241 20.37 -10.54 20.89
C PHE B 241 20.60 -12.04 20.76
N GLU B 242 21.77 -12.49 21.17
CA GLU B 242 22.07 -13.91 21.12
C GLU B 242 21.19 -14.65 22.09
N ARG B 243 20.99 -14.07 23.26
CA ARG B 243 20.18 -14.70 24.27
C ARG B 243 18.76 -14.85 23.77
N LEU B 244 18.25 -13.79 23.18
CA LEU B 244 16.89 -13.82 22.72
C LEU B 244 16.74 -14.86 21.67
N ILE B 245 17.68 -14.89 20.73
CA ILE B 245 17.57 -15.85 19.67
C ILE B 245 17.67 -17.24 20.24
N LYS B 246 18.62 -17.42 21.13
CA LYS B 246 18.83 -18.72 21.73
C LYS B 246 17.59 -19.12 22.51
N TYR B 247 17.05 -18.18 23.27
CA TYR B 247 15.85 -18.44 24.07
C TYR B 247 14.67 -18.79 23.16
N LEU B 248 14.55 -18.05 22.06
CA LEU B 248 13.52 -18.29 21.07
C LEU B 248 13.82 -19.64 20.47
N ILE B 249 15.12 -19.91 20.32
CA ILE B 249 15.58 -21.17 19.78
C ILE B 249 15.16 -22.34 20.65
N GLY B 250 15.24 -22.14 21.96
CA GLY B 250 14.92 -23.21 22.88
C GLY B 250 13.50 -23.68 22.73
N LYS B 251 12.58 -22.75 22.53
CA LYS B 251 11.19 -23.11 22.40
C LYS B 251 11.00 -24.19 21.37
N ALA B 252 11.74 -24.13 20.29
CA ALA B 252 11.57 -25.14 19.24
C ALA B 252 12.65 -26.22 19.27
C1 GER C . -13.28 0.68 -3.85
C2 GER C . -12.00 1.28 -3.30
C3 GER C . -11.35 0.71 -2.27
C4 GER C . -11.85 -0.55 -1.63
C5 GER C . -10.07 1.33 -1.76
C6 GER C . -8.88 0.72 -2.50
C7 GER C . -7.59 1.24 -1.92
C8 GER C . -6.63 1.69 -2.73
C9 GER C . -6.82 1.68 -4.22
C10 GER C . -5.36 2.23 -2.10
C11 GER C . -4.25 1.19 -2.02
C12 GER C . -2.93 1.92 -1.75
C13 GER C . -2.35 1.89 -0.54
C14 GER C . -3.04 1.15 0.60
C15 GER C . -1.03 2.62 -0.35
C16 GER C . -0.71 3.45 -1.61
C17 GER C . 0.45 4.40 -1.40
C18 GER C . 1.38 4.64 -2.34
C19 GER C . 2.52 5.58 -2.10
C20 GER C . 1.32 3.95 -3.67
UNK UNX D . -19.33 -3.04 -6.40
O5* UNL E . -15.64 3.06 -15.29
PA UNL E . -14.56 3.14 -14.24
O1A UNL E . -15.05 3.03 -12.83
O2A UNL E . -13.56 4.24 -14.47
O3A UNL E . -13.72 1.78 -14.44
PB UNL E . -13.32 1.22 -15.90
O2B UNL E . -13.27 2.37 -16.87
O1B UNL E . -14.21 0.04 -16.18
O3B UNL E . -11.83 0.68 -15.67
C1' UNL E . -11.58 -0.70 -15.42
C2' UNL E . -10.84 -1.32 -16.60
C3' UNL E . -11.09 -2.82 -16.67
C4' UNL E . -12.57 -3.11 -16.88
UNK UNX F . -4.76 -18.46 8.15
#